data_2MS1
#
_entry.id   2MS1
#
loop_
_entity.id
_entity.type
_entity.pdbx_description
1 polymer 'Nucleocapsid protein p10'
2 polymer tRNApro
3 non-polymer 'ZINC ION'
#
loop_
_entity_poly.entity_id
_entity_poly.type
_entity_poly.pdbx_seq_one_letter_code
_entity_poly.pdbx_strand_id
1 'polypeptide(L)' ATVVSGQKQDRQGGERRRSQLDRDQCAYCKEKGHWAKDCPKKPRGPRGPRPQTSLL A
2 'polyribonucleotide' GGCUCGUUGGUCUAGGGGUAUGAUUCUCGCUUAGGGUGCGAGAGGUCCCGGGUUCAAAUCCCGGACGAGCC B
#
# COMPACT_ATOMS: atom_id res chain seq x y z
N ALA A 1 -16.59 51.83 -2.36
CA ALA A 1 -16.96 50.39 -2.35
C ALA A 1 -15.73 49.51 -2.07
N THR A 2 -15.96 48.30 -1.53
CA THR A 2 -14.92 47.31 -1.18
C THR A 2 -15.38 45.89 -1.55
N VAL A 3 -14.45 45.04 -2.01
CA VAL A 3 -14.69 43.65 -2.41
C VAL A 3 -13.44 42.79 -2.15
N VAL A 4 -13.63 41.49 -1.91
CA VAL A 4 -12.57 40.50 -1.63
C VAL A 4 -12.87 39.14 -2.30
N SER A 5 -11.84 38.29 -2.44
CA SER A 5 -11.94 36.96 -3.06
C SER A 5 -12.87 36.01 -2.28
N GLY A 6 -13.46 35.03 -2.98
CA GLY A 6 -14.36 34.02 -2.40
C GLY A 6 -14.87 32.99 -3.42
N GLN A 7 -15.69 32.05 -2.95
CA GLN A 7 -16.30 30.94 -3.71
C GLN A 7 -15.28 29.96 -4.35
N LYS A 8 -15.78 28.91 -5.00
CA LYS A 8 -15.01 27.85 -5.68
C LYS A 8 -15.81 27.25 -6.85
N GLN A 9 -15.10 26.76 -7.87
CA GLN A 9 -15.69 26.12 -9.07
C GLN A 9 -16.44 24.82 -8.73
N ASP A 10 -17.29 24.36 -9.66
CA ASP A 10 -18.06 23.11 -9.53
C ASP A 10 -17.16 21.87 -9.36
N ARG A 11 -17.65 20.85 -8.62
CA ARG A 11 -16.94 19.61 -8.29
C ARG A 11 -17.85 18.37 -8.39
N GLN A 12 -17.24 17.20 -8.48
CA GLN A 12 -17.91 15.88 -8.58
C GLN A 12 -17.16 14.81 -7.75
N GLY A 13 -17.76 13.62 -7.61
CA GLY A 13 -17.19 12.49 -6.86
C GLY A 13 -17.91 11.16 -7.12
N GLY A 14 -17.40 10.09 -6.50
CA GLY A 14 -17.95 8.72 -6.61
C GLY A 14 -17.00 7.62 -6.11
N GLU A 15 -15.69 7.87 -6.15
CA GLU A 15 -14.62 6.97 -5.67
C GLU A 15 -13.40 7.78 -5.16
N ARG A 16 -12.40 7.09 -4.60
CA ARG A 16 -11.16 7.64 -4.03
C ARG A 16 -9.92 6.87 -4.53
N ARG A 17 -10.01 6.26 -5.72
CA ARG A 17 -8.97 5.40 -6.34
C ARG A 17 -8.55 4.27 -5.39
N ARG A 18 -9.54 3.62 -4.76
CA ARG A 18 -9.37 2.55 -3.75
C ARG A 18 -10.30 1.36 -3.94
N SER A 19 -11.56 1.60 -4.32
CA SER A 19 -12.61 0.58 -4.48
C SER A 19 -12.83 -0.25 -3.19
N GLN A 20 -13.55 -1.37 -3.28
CA GLN A 20 -13.81 -2.28 -2.16
C GLN A 20 -12.51 -2.97 -1.68
N LEU A 21 -12.38 -3.18 -0.36
CA LEU A 21 -11.25 -3.84 0.30
C LEU A 21 -11.72 -4.76 1.44
N ASP A 22 -10.84 -5.68 1.83
CA ASP A 22 -11.02 -6.63 2.93
C ASP A 22 -9.65 -6.89 3.60
N ARG A 23 -9.64 -7.35 4.85
CA ARG A 23 -8.42 -7.64 5.66
C ARG A 23 -7.59 -8.83 5.16
N ASP A 24 -7.96 -9.39 4.02
CA ASP A 24 -7.27 -10.48 3.30
C ASP A 24 -6.60 -9.99 1.99
N GLN A 25 -6.73 -8.70 1.64
CA GLN A 25 -6.16 -8.09 0.42
C GLN A 25 -4.97 -7.17 0.68
N CYS A 26 -4.30 -6.69 -0.39
CA CYS A 26 -3.16 -5.77 -0.34
C CYS A 26 -3.54 -4.37 -0.85
N ALA A 27 -3.18 -3.32 -0.10
CA ALA A 27 -3.44 -1.94 -0.51
C ALA A 27 -2.56 -1.48 -1.70
N TYR A 28 -1.34 -2.01 -1.86
CA TYR A 28 -0.43 -1.59 -2.93
C TYR A 28 -0.79 -2.15 -4.32
N CYS A 29 -1.10 -3.45 -4.45
CA CYS A 29 -1.38 -4.09 -5.74
C CYS A 29 -2.79 -4.72 -5.92
N LYS A 30 -3.62 -4.71 -4.86
CA LYS A 30 -5.00 -5.23 -4.83
C LYS A 30 -5.13 -6.77 -4.89
N GLU A 31 -4.03 -7.52 -4.87
CA GLU A 31 -4.04 -8.99 -4.76
C GLU A 31 -4.53 -9.45 -3.36
N LYS A 32 -4.61 -10.76 -3.13
CA LYS A 32 -5.05 -11.38 -1.87
C LYS A 32 -4.08 -12.40 -1.29
N GLY A 33 -4.26 -12.72 -0.01
CA GLY A 33 -3.43 -13.65 0.77
C GLY A 33 -2.26 -12.98 1.52
N HIS A 34 -2.08 -11.67 1.33
CA HIS A 34 -1.03 -10.84 1.95
C HIS A 34 -1.46 -9.36 1.98
N TRP A 35 -0.68 -8.52 2.68
CA TRP A 35 -0.86 -7.06 2.80
C TRP A 35 0.32 -6.33 2.15
N ALA A 36 0.21 -5.01 1.95
CA ALA A 36 1.27 -4.18 1.37
C ALA A 36 2.64 -4.39 2.04
N LYS A 37 2.66 -4.56 3.37
CA LYS A 37 3.85 -4.82 4.21
C LYS A 37 4.69 -6.04 3.77
N ASP A 38 4.12 -6.94 2.97
CA ASP A 38 4.74 -8.15 2.44
C ASP A 38 4.51 -8.33 0.91
N CYS A 39 4.09 -7.27 0.21
CA CYS A 39 3.77 -7.31 -1.22
C CYS A 39 4.92 -7.82 -2.13
N PRO A 40 4.67 -8.83 -3.02
CA PRO A 40 5.70 -9.37 -3.91
C PRO A 40 6.14 -8.39 -5.01
N LYS A 41 5.36 -7.33 -5.27
CA LYS A 41 5.68 -6.26 -6.24
C LYS A 41 6.84 -5.37 -5.75
N LYS A 42 7.07 -5.30 -4.43
CA LYS A 42 8.14 -4.46 -3.84
C LYS A 42 9.56 -4.98 -4.17
N PRO A 43 10.59 -4.10 -4.12
CA PRO A 43 12.00 -4.47 -4.39
C PRO A 43 12.64 -5.40 -3.34
N ARG A 44 11.93 -5.73 -2.25
CA ARG A 44 12.34 -6.64 -1.16
C ARG A 44 12.27 -8.14 -1.56
N GLY A 45 12.58 -8.43 -2.83
CA GLY A 45 12.57 -9.75 -3.46
C GLY A 45 12.86 -9.68 -4.97
N PRO A 46 12.83 -10.83 -5.67
CA PRO A 46 13.07 -12.18 -5.13
C PRO A 46 14.49 -12.42 -4.58
N ARG A 47 15.43 -11.49 -4.80
CA ARG A 47 16.84 -11.55 -4.34
C ARG A 47 17.33 -10.17 -3.87
N GLY A 48 18.29 -10.16 -2.95
CA GLY A 48 18.91 -8.96 -2.36
C GLY A 48 20.07 -9.30 -1.42
N PRO A 49 20.74 -8.31 -0.81
CA PRO A 49 21.90 -8.48 0.08
C PRO A 49 21.59 -9.04 1.49
N ARG A 50 20.47 -9.75 1.60
CA ARG A 50 19.96 -10.44 2.81
C ARG A 50 18.96 -11.55 2.40
N PRO A 51 19.45 -12.72 1.91
CA PRO A 51 18.61 -13.84 1.45
C PRO A 51 17.58 -14.37 2.48
N GLN A 52 17.82 -14.19 3.78
CA GLN A 52 16.96 -14.62 4.90
C GLN A 52 16.63 -16.14 4.91
N THR A 53 17.44 -16.96 4.23
CA THR A 53 17.28 -18.42 4.09
C THR A 53 18.61 -19.20 4.19
N SER A 54 19.72 -18.52 4.51
CA SER A 54 21.06 -19.09 4.66
C SER A 54 21.94 -18.26 5.62
N LEU A 55 21.95 -16.93 5.45
CA LEU A 55 22.69 -15.94 6.26
C LEU A 55 24.08 -16.42 6.71
N ALA A 1 18.52 4.04 42.54
CA ALA A 1 18.59 4.64 41.19
C ALA A 1 17.42 5.60 40.94
N THR A 2 17.61 6.58 40.06
CA THR A 2 16.63 7.63 39.70
C THR A 2 16.70 7.97 38.20
N VAL A 3 15.71 8.71 37.69
CA VAL A 3 15.63 9.17 36.29
C VAL A 3 16.78 10.14 35.94
N VAL A 4 17.12 10.24 34.65
CA VAL A 4 18.20 11.11 34.13
C VAL A 4 17.80 11.83 32.84
N SER A 5 18.58 12.84 32.44
CA SER A 5 18.38 13.65 31.22
C SER A 5 19.67 14.38 30.80
N GLY A 6 19.67 15.02 29.63
CA GLY A 6 20.80 15.78 29.09
C GLY A 6 20.49 16.44 27.73
N GLN A 7 21.45 17.24 27.23
CA GLN A 7 21.38 17.98 25.96
C GLN A 7 20.16 18.94 25.84
N LYS A 8 19.95 19.51 24.64
CA LYS A 8 18.88 20.48 24.31
C LYS A 8 18.50 20.42 22.81
N GLN A 9 17.49 21.20 22.42
CA GLN A 9 16.93 21.29 21.06
C GLN A 9 16.38 19.95 20.53
N ASP A 10 16.30 19.78 19.19
CA ASP A 10 15.73 18.63 18.49
C ASP A 10 16.61 18.16 17.30
N ARG A 11 16.33 16.97 16.75
CA ARG A 11 17.04 16.37 15.61
C ARG A 11 16.10 15.68 14.62
N GLN A 12 16.54 15.57 13.36
CA GLN A 12 15.84 14.99 12.20
C GLN A 12 14.51 15.69 11.84
N GLY A 13 14.00 15.43 10.64
CA GLY A 13 12.76 15.97 10.09
C GLY A 13 12.25 15.15 8.89
N GLY A 14 11.09 15.53 8.34
CA GLY A 14 10.47 14.87 7.19
C GLY A 14 9.01 15.29 6.96
N GLU A 15 8.37 14.64 5.99
CA GLU A 15 6.97 14.86 5.60
C GLU A 15 6.36 13.55 5.06
N ARG A 16 5.05 13.35 5.25
CA ARG A 16 4.29 12.16 4.78
C ARG A 16 2.88 12.51 4.33
N ARG A 17 2.28 11.62 3.54
CA ARG A 17 0.91 11.70 2.99
C ARG A 17 0.34 10.29 2.78
N ARG A 18 -0.93 10.19 2.35
CA ARG A 18 -1.62 8.92 2.06
C ARG A 18 -2.23 8.95 0.64
N SER A 19 -2.74 7.80 0.19
CA SER A 19 -3.36 7.61 -1.14
C SER A 19 -4.38 6.45 -1.12
N GLN A 20 -4.95 6.10 -2.28
CA GLN A 20 -5.94 5.02 -2.44
C GLN A 20 -5.42 3.68 -1.89
N LEU A 21 -6.06 3.19 -0.83
CA LEU A 21 -5.79 1.92 -0.15
C LEU A 21 -7.07 1.36 0.49
N ASP A 22 -7.02 0.08 0.82
CA ASP A 22 -8.02 -0.70 1.54
C ASP A 22 -7.25 -1.81 2.29
N ARG A 23 -7.81 -2.42 3.34
CA ARG A 23 -7.13 -3.47 4.12
C ARG A 23 -7.01 -4.83 3.42
N ASP A 24 -7.27 -4.82 2.12
CA ASP A 24 -7.11 -5.94 1.18
C ASP A 24 -6.14 -5.59 0.03
N GLN A 25 -5.42 -4.45 0.11
CA GLN A 25 -4.43 -3.99 -0.89
C GLN A 25 -3.03 -3.82 -0.29
N CYS A 26 -1.99 -3.94 -1.13
CA CYS A 26 -0.58 -3.80 -0.75
C CYS A 26 -0.05 -2.36 -0.82
N ALA A 27 0.67 -1.90 0.21
CA ALA A 27 1.30 -0.57 0.19
C ALA A 27 2.56 -0.48 -0.71
N TYR A 28 3.18 -1.63 -1.09
CA TYR A 28 4.41 -1.68 -1.90
C TYR A 28 4.20 -1.78 -3.42
N CYS A 29 3.23 -2.57 -3.89
CA CYS A 29 2.95 -2.76 -5.33
C CYS A 29 1.50 -2.44 -5.75
N LYS A 30 0.61 -2.18 -4.78
CA LYS A 30 -0.82 -1.82 -4.95
C LYS A 30 -1.73 -2.93 -5.49
N GLU A 31 -1.24 -4.17 -5.60
CA GLU A 31 -2.05 -5.37 -5.90
C GLU A 31 -3.00 -5.67 -4.73
N LYS A 32 -3.89 -6.67 -4.90
CA LYS A 32 -4.89 -7.07 -3.89
C LYS A 32 -4.72 -8.51 -3.39
N GLY A 33 -5.31 -8.80 -2.22
CA GLY A 33 -5.29 -10.10 -1.54
C GLY A 33 -4.19 -10.25 -0.48
N HIS A 34 -3.33 -9.25 -0.31
CA HIS A 34 -2.20 -9.23 0.63
C HIS A 34 -1.77 -7.78 0.99
N TRP A 35 -0.81 -7.66 1.91
CA TRP A 35 -0.19 -6.40 2.36
C TRP A 35 1.30 -6.41 2.00
N ALA A 36 1.97 -5.24 2.05
CA ALA A 36 3.40 -5.11 1.77
C ALA A 36 4.27 -6.10 2.57
N LYS A 37 3.91 -6.34 3.83
CA LYS A 37 4.54 -7.28 4.77
C LYS A 37 4.67 -8.73 4.23
N ASP A 38 3.87 -9.09 3.22
CA ASP A 38 3.83 -10.38 2.55
C ASP A 38 3.87 -10.27 1.00
N CYS A 39 4.27 -9.12 0.45
CA CYS A 39 4.28 -8.83 -0.99
C CYS A 39 5.11 -9.85 -1.84
N PRO A 40 4.52 -10.47 -2.90
CA PRO A 40 5.24 -11.38 -3.79
C PRO A 40 6.47 -10.76 -4.49
N LYS A 41 6.48 -9.43 -4.68
CA LYS A 41 7.58 -8.69 -5.34
C LYS A 41 8.90 -8.76 -4.55
N LYS A 42 8.82 -8.93 -3.22
CA LYS A 42 9.99 -9.01 -2.32
C LYS A 42 10.79 -10.31 -2.51
N PRO A 43 12.10 -10.31 -2.26
CA PRO A 43 12.96 -11.50 -2.37
C PRO A 43 12.57 -12.56 -1.33
N ARG A 44 12.32 -13.80 -1.79
CA ARG A 44 11.85 -14.95 -0.99
C ARG A 44 12.60 -16.25 -1.37
N GLY A 45 13.92 -16.15 -1.52
CA GLY A 45 14.79 -17.27 -1.92
C GLY A 45 16.31 -17.02 -1.94
N PRO A 46 16.82 -15.81 -2.26
CA PRO A 46 16.22 -14.78 -3.12
C PRO A 46 15.89 -15.21 -4.57
N ARG A 47 16.34 -16.39 -5.02
CA ARG A 47 16.13 -16.92 -6.39
C ARG A 47 16.59 -15.94 -7.49
N GLY A 48 17.73 -15.29 -7.25
CA GLY A 48 18.36 -14.29 -8.10
C GLY A 48 19.73 -13.81 -7.56
N PRO A 49 20.31 -12.74 -8.13
CA PRO A 49 21.59 -12.18 -7.69
C PRO A 49 21.52 -11.57 -6.27
N ARG A 50 22.70 -11.29 -5.69
CA ARG A 50 22.87 -10.73 -4.33
C ARG A 50 23.87 -9.55 -4.31
N PRO A 51 23.71 -8.57 -3.39
CA PRO A 51 24.61 -7.41 -3.28
C PRO A 51 25.99 -7.77 -2.71
N GLN A 52 26.91 -6.80 -2.76
CA GLN A 52 28.29 -6.88 -2.23
C GLN A 52 28.77 -5.52 -1.71
N THR A 53 29.88 -5.51 -0.96
CA THR A 53 30.50 -4.31 -0.36
C THR A 53 32.03 -4.34 -0.44
N SER A 54 32.67 -3.18 -0.26
CA SER A 54 34.13 -2.98 -0.33
C SER A 54 34.71 -2.02 0.74
N LEU A 55 33.87 -1.55 1.66
CA LEU A 55 34.23 -0.62 2.76
C LEU A 55 33.37 -0.89 4.00
N ALA A 1 31.12 -16.77 11.81
CA ALA A 1 30.62 -15.73 12.74
C ALA A 1 30.84 -14.33 12.17
N THR A 2 30.05 -13.35 12.61
CA THR A 2 30.10 -11.93 12.18
C THR A 2 29.87 -10.97 13.37
N VAL A 3 30.22 -9.68 13.18
CA VAL A 3 30.10 -8.62 14.20
C VAL A 3 29.38 -7.35 13.73
N VAL A 4 29.06 -7.25 12.43
CA VAL A 4 28.33 -6.14 11.79
C VAL A 4 28.94 -4.74 12.03
N SER A 5 30.27 -4.67 12.23
CA SER A 5 31.05 -3.45 12.49
C SER A 5 31.28 -2.59 11.22
N GLY A 6 30.23 -2.33 10.43
CA GLY A 6 30.29 -1.57 9.18
C GLY A 6 28.92 -1.34 8.53
N GLN A 7 28.94 -0.90 7.27
CA GLN A 7 27.76 -0.61 6.44
C GLN A 7 27.90 -1.24 5.03
N LYS A 8 26.77 -1.39 4.33
CA LYS A 8 26.66 -1.98 2.98
C LYS A 8 25.52 -1.29 2.19
N GLN A 9 25.49 -1.50 0.87
CA GLN A 9 24.50 -0.92 -0.07
C GLN A 9 24.58 0.63 -0.11
N ASP A 10 23.62 1.29 -0.77
CA ASP A 10 23.53 2.76 -0.87
C ASP A 10 22.08 3.26 -0.87
N ARG A 11 21.88 4.53 -0.48
CA ARG A 11 20.59 5.21 -0.33
C ARG A 11 19.73 5.36 -1.61
N GLN A 12 20.27 5.03 -2.79
CA GLN A 12 19.61 5.12 -4.09
C GLN A 12 19.60 3.78 -4.85
N GLY A 13 19.89 2.66 -4.18
CA GLY A 13 19.91 1.31 -4.74
C GLY A 13 18.52 0.65 -4.92
N GLY A 14 17.43 1.44 -4.86
CA GLY A 14 16.04 0.97 -4.98
C GLY A 14 15.02 2.11 -5.07
N GLU A 15 13.73 1.77 -5.17
CA GLU A 15 12.61 2.72 -5.25
C GLU A 15 11.30 2.13 -4.68
N ARG A 16 10.53 2.95 -3.97
CA ARG A 16 9.24 2.59 -3.36
C ARG A 16 8.17 2.18 -4.40
N ARG A 17 7.15 1.42 -3.95
CA ARG A 17 5.99 0.99 -4.77
C ARG A 17 4.72 0.88 -3.91
N ARG A 18 3.58 1.31 -4.45
CA ARG A 18 2.24 1.30 -3.82
C ARG A 18 1.16 1.40 -4.90
N SER A 19 -0.04 0.89 -4.62
CA SER A 19 -1.20 0.87 -5.53
C SER A 19 -2.22 2.00 -5.31
N GLN A 20 -1.84 3.06 -4.58
CA GLN A 20 -2.71 4.21 -4.25
C GLN A 20 -4.07 3.78 -3.63
N LEU A 21 -4.02 2.77 -2.76
CA LEU A 21 -5.19 2.17 -2.10
C LEU A 21 -6.07 3.15 -1.27
N ASP A 22 -7.25 2.66 -0.93
CA ASP A 22 -8.27 3.29 -0.08
C ASP A 22 -8.71 2.24 0.95
N ARG A 23 -9.33 2.62 2.07
CA ARG A 23 -9.74 1.71 3.18
C ARG A 23 -10.91 0.77 2.86
N ASP A 24 -11.24 0.66 1.58
CA ASP A 24 -12.24 -0.25 0.99
C ASP A 24 -11.60 -1.21 -0.04
N GLN A 25 -10.28 -1.20 -0.20
CA GLN A 25 -9.50 -2.00 -1.17
C GLN A 25 -8.54 -3.00 -0.48
N CYS A 26 -8.17 -4.10 -1.14
CA CYS A 26 -7.24 -5.10 -0.63
C CYS A 26 -5.77 -4.77 -0.96
N ALA A 27 -4.87 -4.84 0.03
CA ALA A 27 -3.44 -4.63 -0.22
C ALA A 27 -2.74 -5.80 -0.95
N TYR A 28 -3.33 -7.01 -1.02
CA TYR A 28 -2.73 -8.21 -1.64
C TYR A 28 -3.20 -8.54 -3.06
N CYS A 29 -4.43 -8.23 -3.45
CA CYS A 29 -4.97 -8.51 -4.79
C CYS A 29 -5.59 -7.28 -5.50
N LYS A 30 -5.70 -6.14 -4.78
CA LYS A 30 -6.21 -4.85 -5.25
C LYS A 30 -7.71 -4.81 -5.60
N GLU A 31 -8.48 -5.87 -5.30
CA GLU A 31 -9.94 -5.88 -5.39
C GLU A 31 -10.56 -4.99 -4.28
N LYS A 32 -11.89 -4.81 -4.28
CA LYS A 32 -12.60 -3.97 -3.29
C LYS A 32 -13.68 -4.73 -2.50
N GLY A 33 -14.11 -4.11 -1.40
CA GLY A 33 -15.10 -4.65 -0.45
C GLY A 33 -14.50 -5.42 0.73
N HIS A 34 -13.18 -5.58 0.76
CA HIS A 34 -12.41 -6.29 1.81
C HIS A 34 -10.95 -5.80 1.86
N TRP A 35 -10.20 -6.26 2.86
CA TRP A 35 -8.76 -6.01 3.07
C TRP A 35 -7.98 -7.33 2.88
N ALA A 36 -6.65 -7.26 2.78
CA ALA A 36 -5.78 -8.44 2.64
C ALA A 36 -6.04 -9.51 3.72
N LYS A 37 -6.40 -9.08 4.94
CA LYS A 37 -6.75 -9.91 6.11
C LYS A 37 -7.93 -10.87 5.85
N ASP A 38 -8.71 -10.63 4.80
CA ASP A 38 -9.87 -11.40 4.35
C ASP A 38 -9.84 -11.72 2.83
N CYS A 39 -8.67 -11.58 2.18
CA CYS A 39 -8.51 -11.80 0.74
C CYS A 39 -8.94 -13.21 0.26
N PRO A 40 -9.85 -13.32 -0.73
CA PRO A 40 -10.32 -14.63 -1.23
C PRO A 40 -9.24 -15.41 -2.00
N LYS A 41 -8.14 -14.74 -2.41
CA LYS A 41 -7.00 -15.37 -3.08
C LYS A 41 -6.17 -16.24 -2.12
N LYS A 42 -6.24 -15.98 -0.80
CA LYS A 42 -5.48 -16.73 0.22
C LYS A 42 -6.08 -18.12 0.52
N PRO A 43 -5.26 -19.10 0.93
CA PRO A 43 -5.71 -20.45 1.29
C PRO A 43 -6.47 -20.46 2.64
N ARG A 44 -6.97 -21.64 3.05
CA ARG A 44 -7.72 -21.85 4.31
C ARG A 44 -7.18 -23.03 5.15
N GLY A 45 -5.88 -23.27 5.04
CA GLY A 45 -5.13 -24.31 5.74
C GLY A 45 -3.78 -24.64 5.08
N PRO A 46 -3.77 -24.93 3.76
CA PRO A 46 -4.88 -25.57 3.02
C PRO A 46 -5.31 -26.94 3.55
N ARG A 47 -4.42 -27.66 4.25
CA ARG A 47 -4.64 -28.99 4.88
C ARG A 47 -5.33 -30.04 3.97
N GLY A 48 -5.04 -29.96 2.67
CA GLY A 48 -5.57 -30.85 1.63
C GLY A 48 -5.39 -30.33 0.19
N PRO A 49 -4.17 -29.99 -0.27
CA PRO A 49 -3.92 -29.49 -1.63
C PRO A 49 -4.14 -30.59 -2.69
N ARG A 50 -4.40 -30.18 -3.94
CA ARG A 50 -4.65 -31.06 -5.09
C ARG A 50 -4.18 -30.40 -6.41
N PRO A 51 -3.48 -31.12 -7.32
CA PRO A 51 -3.03 -30.56 -8.59
C PRO A 51 -4.18 -30.34 -9.59
N GLN A 52 -3.90 -29.59 -10.67
CA GLN A 52 -4.86 -29.26 -11.73
C GLN A 52 -4.31 -29.44 -13.16
N THR A 53 -2.99 -29.49 -13.33
CA THR A 53 -2.29 -29.66 -14.63
C THR A 53 -1.05 -30.56 -14.50
N SER A 54 -0.55 -31.07 -15.63
CA SER A 54 0.61 -31.99 -15.70
C SER A 54 1.55 -31.71 -16.89
N LEU A 55 1.33 -30.61 -17.62
CA LEU A 55 2.12 -30.18 -18.80
C LEU A 55 2.15 -28.65 -18.94
N ALA A 1 -12.90 -20.13 0.21
CA ALA A 1 -12.97 -20.29 -1.27
C ALA A 1 -13.78 -21.52 -1.66
N THR A 2 -14.36 -21.51 -2.87
CA THR A 2 -15.19 -22.61 -3.43
C THR A 2 -14.87 -22.84 -4.91
N VAL A 3 -15.34 -23.98 -5.47
CA VAL A 3 -15.15 -24.40 -6.89
C VAL A 3 -13.69 -24.29 -7.38
N VAL A 4 -12.73 -24.53 -6.46
CA VAL A 4 -11.27 -24.45 -6.68
C VAL A 4 -10.81 -23.10 -7.29
N SER A 5 -11.56 -22.02 -7.03
CA SER A 5 -11.26 -20.66 -7.52
C SER A 5 -9.95 -20.04 -6.99
N GLY A 6 -9.42 -20.55 -5.87
CA GLY A 6 -8.17 -20.11 -5.25
C GLY A 6 -7.86 -20.84 -3.95
N GLN A 7 -6.65 -20.65 -3.42
CA GLN A 7 -6.15 -21.24 -2.17
C GLN A 7 -5.00 -20.43 -1.56
N LYS A 8 -4.81 -20.55 -0.24
CA LYS A 8 -3.75 -19.86 0.54
C LYS A 8 -3.22 -20.65 1.75
N GLN A 9 -3.50 -21.96 1.81
CA GLN A 9 -3.11 -22.86 2.92
C GLN A 9 -2.35 -24.12 2.45
N ASP A 10 -2.05 -24.23 1.15
CA ASP A 10 -1.29 -25.32 0.53
C ASP A 10 0.24 -25.22 0.77
N ARG A 11 0.70 -24.09 1.31
CA ARG A 11 2.11 -23.77 1.62
C ARG A 11 2.23 -22.81 2.81
N GLN A 12 3.46 -22.53 3.25
CA GLN A 12 3.77 -21.64 4.39
C GLN A 12 5.05 -20.83 4.12
N GLY A 13 5.20 -19.68 4.79
CA GLY A 13 6.34 -18.77 4.67
C GLY A 13 6.42 -17.73 5.80
N GLY A 14 7.44 -16.87 5.76
CA GLY A 14 7.70 -15.82 6.76
C GLY A 14 9.08 -15.17 6.67
N GLU A 15 9.78 -15.30 5.55
CA GLU A 15 11.14 -14.79 5.28
C GLU A 15 11.22 -13.31 4.82
N ARG A 16 10.14 -12.53 4.97
CA ARG A 16 10.06 -11.11 4.58
C ARG A 16 9.45 -10.20 5.67
N ARG A 17 9.73 -8.91 5.59
CA ARG A 17 9.28 -7.83 6.50
C ARG A 17 9.01 -6.54 5.70
N ARG A 18 8.54 -5.46 6.35
CA ARG A 18 8.25 -4.14 5.74
C ARG A 18 9.35 -3.62 4.79
N SER A 19 10.62 -3.80 5.17
CA SER A 19 11.85 -3.38 4.46
C SER A 19 12.03 -1.85 4.38
N GLN A 20 11.07 -1.11 3.79
CA GLN A 20 11.02 0.35 3.68
C GLN A 20 9.64 0.78 3.17
N LEU A 21 9.03 1.78 3.82
CA LEU A 21 7.77 2.40 3.44
C LEU A 21 7.82 3.92 3.71
N ASP A 22 6.73 4.62 3.44
CA ASP A 22 6.51 6.04 3.74
C ASP A 22 4.99 6.22 3.92
N ARG A 23 4.53 7.24 4.65
CA ARG A 23 3.11 7.47 4.94
C ARG A 23 2.25 7.89 3.73
N ASP A 24 2.87 7.96 2.56
CA ASP A 24 2.24 8.23 1.26
C ASP A 24 2.43 7.10 0.23
N GLN A 25 3.05 5.97 0.61
CA GLN A 25 3.27 4.81 -0.27
C GLN A 25 2.25 3.68 -0.05
N CYS A 26 2.06 2.81 -1.03
CA CYS A 26 1.14 1.68 -0.98
C CYS A 26 1.82 0.37 -0.53
N ALA A 27 1.24 -0.30 0.48
CA ALA A 27 1.73 -1.59 0.96
C ALA A 27 1.37 -2.80 0.06
N TYR A 28 0.61 -2.61 -1.04
CA TYR A 28 0.19 -3.68 -1.96
C TYR A 28 0.86 -3.64 -3.35
N CYS A 29 1.25 -2.45 -3.86
CA CYS A 29 1.92 -2.31 -5.16
C CYS A 29 3.21 -1.43 -5.16
N LYS A 30 3.54 -0.82 -4.02
CA LYS A 30 4.72 0.04 -3.78
C LYS A 30 4.68 1.41 -4.46
N GLU A 31 3.58 1.79 -5.11
CA GLU A 31 3.41 3.14 -5.71
C GLU A 31 3.45 4.25 -4.63
N LYS A 32 3.71 5.50 -5.03
CA LYS A 32 3.69 6.70 -4.17
C LYS A 32 2.53 7.62 -4.57
N GLY A 33 1.80 8.12 -3.58
CA GLY A 33 0.64 9.00 -3.73
C GLY A 33 -0.69 8.41 -3.22
N HIS A 34 -0.72 7.14 -2.79
CA HIS A 34 -1.90 6.45 -2.25
C HIS A 34 -1.50 5.27 -1.34
N TRP A 35 -2.47 4.70 -0.62
CA TRP A 35 -2.31 3.52 0.28
C TRP A 35 -2.96 2.28 -0.33
N ALA A 36 -2.67 1.09 0.20
CA ALA A 36 -3.30 -0.17 -0.22
C ALA A 36 -4.84 -0.07 -0.19
N LYS A 37 -5.40 0.68 0.77
CA LYS A 37 -6.82 1.00 0.93
C LYS A 37 -7.48 1.63 -0.31
N ASP A 38 -6.66 2.15 -1.24
CA ASP A 38 -7.05 2.84 -2.47
C ASP A 38 -6.35 2.27 -3.72
N CYS A 39 -5.61 1.15 -3.61
CA CYS A 39 -4.82 0.59 -4.69
C CYS A 39 -5.58 0.32 -6.02
N PRO A 40 -5.08 0.80 -7.18
CA PRO A 40 -5.72 0.59 -8.48
C PRO A 40 -5.67 -0.86 -8.95
N LYS A 41 -4.79 -1.70 -8.37
CA LYS A 41 -4.74 -3.15 -8.70
C LYS A 41 -5.94 -3.91 -8.14
N LYS A 42 -6.63 -3.37 -7.11
CA LYS A 42 -7.81 -4.02 -6.50
C LYS A 42 -9.07 -3.86 -7.36
N PRO A 43 -9.95 -4.88 -7.40
CA PRO A 43 -11.20 -4.83 -8.17
C PRO A 43 -12.25 -3.86 -7.58
N ARG A 44 -12.11 -3.49 -6.30
CA ARG A 44 -13.00 -2.56 -5.58
C ARG A 44 -12.87 -1.12 -6.10
N GLY A 45 -13.93 -0.33 -5.90
CA GLY A 45 -14.03 1.08 -6.31
C GLY A 45 -15.15 1.85 -5.59
N PRO A 46 -15.31 3.15 -5.91
CA PRO A 46 -14.25 4.02 -6.43
C PRO A 46 -13.08 4.22 -5.44
N ARG A 47 -11.91 4.58 -5.99
CA ARG A 47 -10.64 4.89 -5.27
C ARG A 47 -9.70 5.74 -6.14
N GLY A 48 -8.72 6.38 -5.52
CA GLY A 48 -7.76 7.28 -6.18
C GLY A 48 -6.63 7.76 -5.25
N PRO A 49 -5.91 8.85 -5.60
CA PRO A 49 -4.82 9.38 -4.78
C PRO A 49 -5.27 9.87 -3.40
N ARG A 50 -4.31 9.91 -2.45
CA ARG A 50 -4.48 10.34 -1.05
C ARG A 50 -3.30 11.24 -0.63
N PRO A 51 -3.27 12.52 -1.09
CA PRO A 51 -2.21 13.49 -0.77
C PRO A 51 -1.94 13.69 0.73
N GLN A 52 -0.76 14.21 1.05
CA GLN A 52 -0.29 14.50 2.42
C GLN A 52 -0.62 15.94 2.87
N THR A 53 -1.55 16.63 2.18
CA THR A 53 -1.98 18.03 2.45
C THR A 53 -0.81 19.03 2.48
N SER A 54 0.25 18.75 1.73
CA SER A 54 1.48 19.55 1.63
C SER A 54 2.24 19.25 0.32
N LEU A 55 3.21 20.11 -0.03
CA LEU A 55 4.04 20.00 -1.24
C LEU A 55 5.45 20.56 -1.00
N ALA A 1 -34.46 8.49 7.64
CA ALA A 1 -33.47 9.54 7.32
C ALA A 1 -33.63 10.76 8.21
N THR A 2 -32.52 11.42 8.57
CA THR A 2 -32.47 12.61 9.45
C THR A 2 -31.68 13.80 8.88
N VAL A 3 -31.00 13.61 7.74
CA VAL A 3 -30.19 14.64 7.04
C VAL A 3 -30.30 14.49 5.50
N VAL A 4 -29.86 15.50 4.76
CA VAL A 4 -29.87 15.56 3.28
C VAL A 4 -28.55 16.17 2.79
N SER A 5 -27.94 15.56 1.76
CA SER A 5 -26.65 15.99 1.17
C SER A 5 -26.63 15.77 -0.36
N GLY A 6 -25.75 16.50 -1.06
CA GLY A 6 -25.59 16.41 -2.52
C GLY A 6 -24.28 17.01 -3.07
N GLN A 7 -23.26 17.20 -2.21
CA GLN A 7 -21.94 17.76 -2.56
C GLN A 7 -21.19 16.88 -3.59
N LYS A 8 -20.35 17.51 -4.41
CA LYS A 8 -19.56 16.88 -5.50
C LYS A 8 -18.10 17.38 -5.48
N GLN A 9 -17.25 16.78 -6.32
CA GLN A 9 -15.82 17.08 -6.44
C GLN A 9 -15.29 17.00 -7.88
N ASP A 10 -14.00 17.35 -8.06
CA ASP A 10 -13.27 17.33 -9.34
C ASP A 10 -11.83 16.82 -9.15
N ARG A 11 -11.15 16.50 -10.27
CA ARG A 11 -9.77 15.99 -10.29
C ARG A 11 -8.91 16.76 -11.30
N GLN A 12 -7.67 17.08 -10.91
CA GLN A 12 -6.70 17.87 -11.70
C GLN A 12 -5.28 17.27 -11.69
N GLY A 13 -5.12 16.05 -11.17
CA GLY A 13 -3.84 15.32 -11.07
C GLY A 13 -4.01 13.95 -10.37
N GLY A 14 -2.89 13.25 -10.14
CA GLY A 14 -2.88 11.93 -9.49
C GLY A 14 -1.47 11.37 -9.23
N GLU A 15 -1.42 10.24 -8.54
CA GLU A 15 -0.22 9.48 -8.17
C GLU A 15 -0.52 7.99 -7.98
N ARG A 16 0.53 7.14 -7.97
CA ARG A 16 0.42 5.67 -7.78
C ARG A 16 1.43 5.09 -6.78
N ARG A 17 2.27 5.93 -6.14
CA ARG A 17 3.30 5.58 -5.15
C ARG A 17 2.90 4.57 -4.06
N ARG A 18 1.62 4.54 -3.67
CA ARG A 18 1.03 3.64 -2.66
C ARG A 18 -0.06 2.69 -3.22
N SER A 19 -0.11 2.56 -4.55
CA SER A 19 -1.08 1.76 -5.32
C SER A 19 -2.54 2.22 -5.14
N GLN A 20 -3.49 1.57 -5.84
CA GLN A 20 -4.93 1.85 -5.80
C GLN A 20 -5.63 1.13 -4.62
N LEU A 21 -4.94 1.05 -3.48
CA LEU A 21 -5.40 0.39 -2.26
C LEU A 21 -6.62 1.07 -1.60
N ASP A 22 -7.29 0.26 -0.76
CA ASP A 22 -8.41 0.57 0.12
C ASP A 22 -8.35 -0.44 1.27
N ARG A 23 -9.05 -0.23 2.40
CA ARG A 23 -9.06 -1.15 3.57
C ARG A 23 -9.86 -2.44 3.34
N ASP A 24 -10.10 -2.74 2.06
CA ASP A 24 -10.76 -3.92 1.49
C ASP A 24 -9.80 -4.72 0.56
N GLN A 25 -8.54 -4.29 0.46
CA GLN A 25 -7.49 -4.92 -0.39
C GLN A 25 -6.22 -5.28 0.40
N CYS A 26 -5.35 -6.11 -0.17
CA CYS A 26 -4.10 -6.56 0.43
C CYS A 26 -2.90 -5.74 -0.05
N ALA A 27 -2.12 -5.22 0.91
CA ALA A 27 -0.90 -4.45 0.63
C ALA A 27 0.30 -5.32 0.18
N TYR A 28 0.20 -6.66 0.25
CA TYR A 28 1.29 -7.59 -0.11
C TYR A 28 1.17 -8.22 -1.51
N CYS A 29 -0.06 -8.39 -2.03
CA CYS A 29 -0.30 -8.99 -3.35
C CYS A 29 -1.26 -8.22 -4.27
N LYS A 30 -1.85 -7.12 -3.79
CA LYS A 30 -2.80 -6.23 -4.50
C LYS A 30 -4.21 -6.83 -4.73
N GLU A 31 -4.51 -8.02 -4.22
CA GLU A 31 -5.85 -8.66 -4.31
C GLU A 31 -6.91 -7.95 -3.43
N LYS A 32 -8.18 -8.35 -3.57
CA LYS A 32 -9.36 -7.82 -2.85
C LYS A 32 -10.03 -8.90 -1.98
N GLY A 33 -10.64 -8.47 -0.87
CA GLY A 33 -11.39 -9.33 0.07
C GLY A 33 -10.64 -9.71 1.35
N HIS A 34 -9.36 -9.37 1.46
CA HIS A 34 -8.49 -9.66 2.62
C HIS A 34 -7.34 -8.63 2.73
N TRP A 35 -6.56 -8.72 3.81
CA TRP A 35 -5.38 -7.90 4.10
C TRP A 35 -4.13 -8.79 4.13
N ALA A 36 -2.93 -8.19 4.12
CA ALA A 36 -1.65 -8.89 4.23
C ALA A 36 -1.64 -9.88 5.42
N LYS A 37 -2.29 -9.52 6.53
CA LYS A 37 -2.47 -10.35 7.76
C LYS A 37 -3.05 -11.76 7.49
N ASP A 38 -3.72 -11.94 6.35
CA ASP A 38 -4.39 -13.16 5.88
C ASP A 38 -4.04 -13.51 4.42
N CYS A 39 -2.99 -12.92 3.84
CA CYS A 39 -2.60 -13.16 2.44
C CYS A 39 -2.35 -14.66 2.11
N PRO A 40 -3.00 -15.22 1.06
CA PRO A 40 -2.84 -16.63 0.70
C PRO A 40 -1.43 -16.97 0.20
N LYS A 41 -0.65 -15.98 -0.25
CA LYS A 41 0.74 -16.19 -0.69
C LYS A 41 1.72 -16.47 0.46
N LYS A 42 1.39 -16.07 1.71
CA LYS A 42 2.29 -16.29 2.86
C LYS A 42 2.41 -17.77 3.23
N PRO A 43 3.53 -18.23 3.82
CA PRO A 43 3.73 -19.63 4.21
C PRO A 43 2.90 -20.08 5.44
N ARG A 44 2.23 -19.15 6.14
CA ARG A 44 1.39 -19.43 7.33
C ARG A 44 0.15 -20.27 6.97
N GLY A 45 -0.32 -21.05 7.94
CA GLY A 45 -1.49 -21.93 7.78
C GLY A 45 -1.73 -22.93 8.93
N PRO A 46 -0.67 -23.52 9.55
CA PRO A 46 0.64 -23.83 8.95
C PRO A 46 0.55 -24.64 7.64
N ARG A 47 1.70 -24.77 6.96
CA ARG A 47 1.87 -25.49 5.68
C ARG A 47 3.18 -26.31 5.67
N GLY A 48 3.32 -27.18 4.67
CA GLY A 48 4.52 -28.01 4.48
C GLY A 48 5.73 -27.24 3.89
N PRO A 49 6.90 -27.88 3.77
CA PRO A 49 8.12 -27.27 3.22
C PRO A 49 8.02 -27.01 1.70
N ARG A 50 8.98 -26.22 1.18
CA ARG A 50 9.13 -25.81 -0.23
C ARG A 50 7.81 -25.36 -0.92
N PRO A 51 7.34 -24.13 -0.65
CA PRO A 51 6.11 -23.59 -1.23
C PRO A 51 6.27 -23.28 -2.74
N GLN A 52 5.16 -22.95 -3.40
CA GLN A 52 5.09 -22.69 -4.86
C GLN A 52 4.59 -21.28 -5.23
N THR A 53 4.48 -20.37 -4.26
CA THR A 53 4.01 -18.97 -4.45
C THR A 53 4.82 -17.94 -3.62
N SER A 54 5.88 -18.39 -2.93
CA SER A 54 6.76 -17.56 -2.10
C SER A 54 8.17 -18.15 -2.02
N LEU A 55 9.13 -17.38 -1.47
CA LEU A 55 10.54 -17.77 -1.32
C LEU A 55 11.21 -17.08 -0.11
N ALA A 1 34.26 16.84 48.68
CA ALA A 1 34.20 16.80 47.20
C ALA A 1 32.78 16.52 46.71
N THR A 2 32.44 16.96 45.49
CA THR A 2 31.13 16.78 44.84
C THR A 2 31.25 16.48 43.34
N VAL A 3 30.17 15.99 42.72
CA VAL A 3 30.07 15.63 41.29
C VAL A 3 28.70 16.00 40.72
N VAL A 4 28.59 16.01 39.38
CA VAL A 4 27.35 16.34 38.64
C VAL A 4 27.30 15.60 37.29
N SER A 5 26.10 15.25 36.83
CA SER A 5 25.84 14.56 35.55
C SER A 5 24.40 14.79 35.06
N GLY A 6 24.16 14.63 33.76
CA GLY A 6 22.84 14.79 33.11
C GLY A 6 22.92 15.01 31.60
N GLN A 7 21.75 15.19 30.98
CA GLN A 7 21.59 15.47 29.55
C GLN A 7 20.37 16.39 29.33
N LYS A 8 20.55 17.47 28.55
CA LYS A 8 19.50 18.48 28.27
C LYS A 8 18.31 17.90 27.48
N GLN A 9 17.14 18.52 27.66
CA GLN A 9 15.88 18.19 27.01
C GLN A 9 15.04 19.46 26.74
N ASP A 10 14.04 19.35 25.86
CA ASP A 10 13.13 20.45 25.48
C ASP A 10 11.64 20.02 25.42
N ARG A 11 11.32 18.78 25.84
CA ARG A 11 9.96 18.18 25.87
C ARG A 11 9.15 18.37 24.58
N GLN A 12 9.83 18.36 23.44
CA GLN A 12 9.26 18.51 22.08
C GLN A 12 10.19 17.86 21.05
N GLY A 13 9.61 17.08 20.12
CA GLY A 13 10.34 16.38 19.06
C GLY A 13 9.48 15.34 18.34
N GLY A 14 10.01 14.80 17.23
CA GLY A 14 9.35 13.79 16.39
C GLY A 14 9.55 14.03 14.89
N GLU A 15 9.05 13.10 14.06
CA GLU A 15 9.10 13.16 12.60
C GLU A 15 7.94 12.35 11.98
N ARG A 16 7.51 12.69 10.76
CA ARG A 16 6.39 12.04 10.04
C ARG A 16 6.51 12.11 8.51
N ARG A 17 5.75 11.27 7.79
CA ARG A 17 5.69 11.21 6.31
C ARG A 17 4.30 10.79 5.83
N ARG A 18 3.66 11.64 5.01
CA ARG A 18 2.36 11.44 4.35
C ARG A 18 2.22 12.45 3.20
N SER A 19 1.32 12.18 2.25
CA SER A 19 1.08 13.02 1.05
C SER A 19 -0.41 13.33 0.85
N GLN A 20 -1.07 13.81 1.91
CA GLN A 20 -2.49 14.17 1.97
C GLN A 20 -3.41 13.04 1.42
N LEU A 21 -3.20 11.82 1.95
CA LEU A 21 -3.94 10.61 1.59
C LEU A 21 -5.46 10.69 1.85
N ASP A 22 -6.15 9.73 1.26
CA ASP A 22 -7.60 9.47 1.33
C ASP A 22 -7.77 7.94 1.41
N ARG A 23 -8.74 7.43 2.16
CA ARG A 23 -8.96 5.98 2.39
C ARG A 23 -9.33 5.16 1.13
N ASP A 24 -9.36 5.82 -0.02
CA ASP A 24 -9.65 5.25 -1.34
C ASP A 24 -8.55 5.56 -2.39
N GLN A 25 -7.36 6.03 -1.99
CA GLN A 25 -6.27 6.40 -2.91
C GLN A 25 -4.93 5.72 -2.56
N CYS A 26 -4.20 5.27 -3.59
CA CYS A 26 -2.93 4.53 -3.51
C CYS A 26 -1.73 5.36 -3.00
N ALA A 27 -0.97 4.81 -2.05
CA ALA A 27 0.27 5.43 -1.58
C ALA A 27 1.47 5.24 -2.56
N TYR A 28 1.38 4.31 -3.52
CA TYR A 28 2.46 4.00 -4.47
C TYR A 28 2.34 4.74 -5.82
N CYS A 29 1.27 4.51 -6.61
CA CYS A 29 1.10 5.13 -7.93
C CYS A 29 0.17 6.37 -7.96
N LYS A 30 -0.51 6.63 -6.83
CA LYS A 30 -1.43 7.75 -6.56
C LYS A 30 -2.82 7.64 -7.22
N GLU A 31 -3.15 6.52 -7.87
CA GLU A 31 -4.48 6.25 -8.44
C GLU A 31 -5.57 6.09 -7.34
N LYS A 32 -6.85 6.03 -7.75
CA LYS A 32 -8.01 5.86 -6.87
C LYS A 32 -8.73 4.53 -7.06
N GLY A 33 -9.50 4.12 -6.05
CA GLY A 33 -10.27 2.87 -6.00
C GLY A 33 -9.55 1.70 -5.31
N HIS A 34 -8.29 1.90 -4.90
CA HIS A 34 -7.45 0.89 -4.24
C HIS A 34 -6.30 1.54 -3.43
N TRP A 35 -5.52 0.71 -2.73
CA TRP A 35 -4.35 1.06 -1.93
C TRP A 35 -3.08 0.43 -2.53
N ALA A 36 -1.90 0.92 -2.16
CA ALA A 36 -0.60 0.39 -2.59
C ALA A 36 -0.49 -1.13 -2.38
N LYS A 37 -1.02 -1.61 -1.24
CA LYS A 37 -1.08 -3.02 -0.83
C LYS A 37 -1.76 -3.94 -1.85
N ASP A 38 -2.55 -3.39 -2.77
CA ASP A 38 -3.28 -4.05 -3.84
C ASP A 38 -3.11 -3.36 -5.22
N CYS A 39 -2.12 -2.47 -5.36
CA CYS A 39 -1.87 -1.68 -6.58
C CYS A 39 -1.65 -2.56 -7.85
N PRO A 40 -2.34 -2.28 -8.97
CA PRO A 40 -2.20 -3.04 -10.22
C PRO A 40 -0.86 -2.82 -10.92
N LYS A 41 -0.09 -1.81 -10.50
CA LYS A 41 1.24 -1.45 -11.03
C LYS A 41 2.38 -1.94 -10.11
N LYS A 42 2.08 -2.49 -8.93
CA LYS A 42 3.09 -2.98 -7.98
C LYS A 42 3.92 -4.15 -8.55
N PRO A 43 5.27 -4.19 -8.39
CA PRO A 43 6.11 -5.31 -8.82
C PRO A 43 5.67 -6.67 -8.24
N ARG A 44 6.13 -7.76 -8.85
CA ARG A 44 5.83 -9.16 -8.44
C ARG A 44 7.06 -9.91 -7.92
N GLY A 45 8.00 -9.14 -7.36
CA GLY A 45 9.25 -9.62 -6.75
C GLY A 45 9.14 -10.29 -5.37
N PRO A 46 8.12 -10.02 -4.52
CA PRO A 46 7.32 -8.78 -4.44
C PRO A 46 8.13 -7.47 -4.33
N ARG A 47 9.36 -7.54 -3.79
CA ARG A 47 10.32 -6.42 -3.59
C ARG A 47 9.85 -5.38 -2.54
N GLY A 48 10.79 -4.57 -2.07
CA GLY A 48 10.56 -3.52 -1.07
C GLY A 48 11.79 -2.63 -0.79
N PRO A 49 12.28 -1.83 -1.76
CA PRO A 49 13.43 -0.95 -1.59
C PRO A 49 13.25 0.08 -0.46
N ARG A 50 14.37 0.57 0.11
CA ARG A 50 14.35 1.61 1.16
C ARG A 50 13.82 2.95 0.59
N PRO A 51 13.08 3.76 1.38
CA PRO A 51 12.55 5.05 0.93
C PRO A 51 13.67 6.09 0.75
N GLN A 52 13.50 6.99 -0.22
CA GLN A 52 14.45 8.08 -0.52
C GLN A 52 13.82 9.42 -0.95
N THR A 53 12.47 9.53 -0.94
CA THR A 53 11.68 10.73 -1.29
C THR A 53 12.19 11.48 -2.53
N SER A 54 12.60 10.74 -3.57
CA SER A 54 13.16 11.24 -4.85
C SER A 54 14.41 12.13 -4.74
N LEU A 55 15.08 12.17 -3.57
CA LEU A 55 16.28 12.96 -3.25
C LEU A 55 16.28 14.38 -3.84
N ALA A 1 -46.37 20.28 7.34
CA ALA A 1 -45.95 19.29 8.37
C ALA A 1 -44.46 18.92 8.21
N THR A 2 -43.83 18.44 9.29
CA THR A 2 -42.42 18.00 9.29
C THR A 2 -42.21 16.67 8.56
N VAL A 3 -40.94 16.30 8.29
CA VAL A 3 -40.58 15.06 7.57
C VAL A 3 -40.77 13.80 8.44
N VAL A 4 -40.80 13.93 9.77
CA VAL A 4 -40.93 12.84 10.79
C VAL A 4 -39.70 11.93 10.87
N SER A 5 -38.71 12.13 9.99
CA SER A 5 -37.43 11.40 9.90
C SER A 5 -36.22 12.35 9.71
N GLY A 6 -36.44 13.65 9.86
CA GLY A 6 -35.45 14.72 9.71
C GLY A 6 -36.07 16.12 9.74
N GLN A 7 -35.23 17.14 9.59
CA GLN A 7 -35.63 18.57 9.58
C GLN A 7 -34.72 19.46 8.72
N LYS A 8 -33.49 19.02 8.40
CA LYS A 8 -32.49 19.75 7.59
C LYS A 8 -31.74 18.88 6.57
N GLN A 9 -32.02 17.58 6.56
CA GLN A 9 -31.43 16.55 5.69
C GLN A 9 -32.02 16.59 4.27
N ASP A 10 -31.30 16.00 3.30
CA ASP A 10 -31.68 15.92 1.88
C ASP A 10 -31.52 14.49 1.28
N ARG A 11 -31.27 13.48 2.13
CA ARG A 11 -31.07 12.06 1.75
C ARG A 11 -31.51 11.08 2.85
N GLN A 12 -31.55 9.79 2.52
CA GLN A 12 -31.94 8.68 3.40
C GLN A 12 -30.93 7.50 3.34
N GLY A 13 -29.71 7.77 2.89
CA GLY A 13 -28.60 6.81 2.75
C GLY A 13 -27.24 7.50 2.61
N GLY A 14 -26.19 6.73 2.31
CA GLY A 14 -24.82 7.26 2.17
C GLY A 14 -23.80 6.26 1.58
N GLU A 15 -22.53 6.68 1.57
CA GLU A 15 -21.38 5.92 1.06
C GLU A 15 -20.11 6.22 1.90
N ARG A 16 -19.07 5.38 1.80
CA ARG A 16 -17.82 5.51 2.56
C ARG A 16 -16.56 5.43 1.67
N ARG A 17 -15.49 6.12 2.09
CA ARG A 17 -14.19 6.22 1.38
C ARG A 17 -13.50 4.88 1.12
N ARG A 18 -13.77 3.86 1.94
CA ARG A 18 -13.20 2.50 1.84
C ARG A 18 -13.47 1.80 0.51
N SER A 19 -14.55 2.16 -0.19
CA SER A 19 -14.97 1.60 -1.49
C SER A 19 -14.79 0.08 -1.58
N GLN A 20 -15.36 -0.63 -0.59
CA GLN A 20 -15.30 -2.08 -0.35
C GLN A 20 -13.89 -2.58 0.05
N LEU A 21 -13.81 -3.27 1.19
CA LEU A 21 -12.60 -3.86 1.75
C LEU A 21 -12.89 -5.16 2.51
N ASP A 22 -11.84 -5.94 2.73
CA ASP A 22 -11.80 -7.18 3.49
C ASP A 22 -10.38 -7.32 4.08
N ARG A 23 -10.21 -8.00 5.22
CA ARG A 23 -8.89 -8.15 5.88
C ARG A 23 -7.87 -8.98 5.09
N ASP A 24 -8.30 -9.63 4.00
CA ASP A 24 -7.48 -10.40 3.06
C ASP A 24 -7.34 -9.69 1.70
N GLN A 25 -7.73 -8.41 1.58
CA GLN A 25 -7.62 -7.61 0.34
C GLN A 25 -6.66 -6.42 0.49
N CYS A 26 -6.18 -5.88 -0.63
CA CYS A 26 -5.27 -4.74 -0.68
C CYS A 26 -6.03 -3.40 -0.78
N ALA A 27 -5.68 -2.44 0.09
CA ALA A 27 -6.28 -1.10 0.07
C ALA A 27 -5.70 -0.17 -1.02
N TYR A 28 -4.72 -0.63 -1.81
CA TYR A 28 -4.04 0.16 -2.86
C TYR A 28 -4.41 -0.24 -4.30
N CYS A 29 -4.71 -1.53 -4.54
CA CYS A 29 -5.09 -2.03 -5.88
C CYS A 29 -6.40 -2.86 -5.93
N LYS A 30 -7.02 -3.14 -4.77
CA LYS A 30 -8.27 -3.90 -4.59
C LYS A 30 -8.17 -5.43 -4.81
N GLU A 31 -7.00 -5.96 -5.14
CA GLU A 31 -6.77 -7.42 -5.28
C GLU A 31 -6.84 -8.15 -3.91
N LYS A 32 -6.75 -9.49 -3.92
CA LYS A 32 -6.83 -10.35 -2.73
C LYS A 32 -5.58 -11.21 -2.51
N GLY A 33 -5.44 -11.75 -1.30
CA GLY A 33 -4.34 -12.59 -0.84
C GLY A 33 -3.13 -11.81 -0.28
N HIS A 34 -3.19 -10.48 -0.26
CA HIS A 34 -2.13 -9.60 0.24
C HIS A 34 -2.67 -8.20 0.66
N TRP A 35 -1.80 -7.37 1.22
CA TRP A 35 -2.05 -5.98 1.66
C TRP A 35 -1.15 -5.01 0.89
N ALA A 36 -1.43 -3.70 0.98
CA ALA A 36 -0.64 -2.63 0.35
C ALA A 36 0.88 -2.77 0.59
N LYS A 37 1.29 -3.15 1.82
CA LYS A 37 2.69 -3.40 2.24
C LYS A 37 3.43 -4.44 1.38
N ASP A 38 2.73 -5.23 0.58
CA ASP A 38 3.25 -6.29 -0.31
C ASP A 38 2.64 -6.21 -1.73
N CYS A 39 1.99 -5.09 -2.09
CA CYS A 39 1.32 -4.88 -3.37
C CYS A 39 2.26 -5.05 -4.61
N PRO A 40 1.88 -5.85 -5.63
CA PRO A 40 2.69 -6.06 -6.83
C PRO A 40 2.81 -4.82 -7.71
N LYS A 41 1.98 -3.79 -7.49
CA LYS A 41 2.04 -2.50 -8.22
C LYS A 41 2.56 -1.33 -7.36
N LYS A 42 3.29 -1.64 -6.27
CA LYS A 42 3.87 -0.65 -5.34
C LYS A 42 5.38 -0.92 -5.14
N PRO A 43 6.26 0.10 -5.19
CA PRO A 43 7.70 -0.07 -4.92
C PRO A 43 7.98 -0.70 -3.55
N ARG A 44 9.11 -1.40 -3.41
CA ARG A 44 9.52 -2.09 -2.18
C ARG A 44 11.05 -2.06 -1.97
N GLY A 45 11.51 -2.61 -0.84
CA GLY A 45 12.92 -2.66 -0.46
C GLY A 45 13.26 -3.50 0.79
N PRO A 46 12.70 -3.23 1.99
CA PRO A 46 11.40 -2.58 2.25
C PRO A 46 11.45 -1.04 2.14
N ARG A 47 10.27 -0.40 2.23
CA ARG A 47 10.07 1.06 2.18
C ARG A 47 9.03 1.48 3.23
N GLY A 48 9.11 2.72 3.71
CA GLY A 48 8.21 3.32 4.70
C GLY A 48 7.55 4.63 4.23
N PRO A 49 6.91 5.40 5.13
CA PRO A 49 6.26 6.67 4.81
C PRO A 49 7.27 7.78 4.48
N ARG A 50 6.75 8.92 3.98
CA ARG A 50 7.55 10.11 3.65
C ARG A 50 8.23 10.72 4.90
N PRO A 51 9.41 11.36 4.75
CA PRO A 51 10.07 12.04 5.87
C PRO A 51 9.26 13.28 6.29
N GLN A 52 9.41 13.71 7.55
CA GLN A 52 8.68 14.87 8.10
C GLN A 52 9.55 15.69 9.06
N THR A 53 9.29 17.00 9.12
CA THR A 53 9.94 17.96 10.03
C THR A 53 9.61 17.65 11.49
N SER A 54 10.61 17.79 12.37
CA SER A 54 10.51 17.58 13.82
C SER A 54 11.65 18.29 14.57
N LEU A 55 12.00 17.85 15.78
CA LEU A 55 13.07 18.41 16.64
C LEU A 55 12.89 19.93 16.82
N ALA A 1 41.60 -1.64 -9.39
CA ALA A 1 40.21 -1.28 -9.77
C ALA A 1 39.42 -2.50 -10.23
N THR A 2 38.08 -2.46 -10.11
CA THR A 2 37.17 -3.57 -10.47
C THR A 2 36.06 -3.18 -11.46
N VAL A 3 36.03 -1.92 -11.92
CA VAL A 3 34.98 -1.34 -12.79
C VAL A 3 33.59 -1.32 -12.08
N VAL A 4 33.59 -1.49 -10.75
CA VAL A 4 32.40 -1.50 -9.86
C VAL A 4 32.68 -0.69 -8.58
N SER A 5 33.93 -0.68 -8.09
CA SER A 5 34.37 0.09 -6.91
C SER A 5 34.22 1.62 -7.06
N GLY A 6 34.25 2.34 -5.93
CA GLY A 6 34.13 3.80 -5.86
C GLY A 6 34.43 4.35 -4.46
N GLN A 7 34.37 5.68 -4.32
CA GLN A 7 34.66 6.41 -3.05
C GLN A 7 33.59 7.45 -2.66
N LYS A 8 32.43 7.47 -3.34
CA LYS A 8 31.30 8.39 -3.09
C LYS A 8 29.95 7.77 -3.45
N GLN A 9 28.86 8.43 -3.05
CA GLN A 9 27.46 8.04 -3.31
C GLN A 9 26.53 9.27 -3.39
N ASP A 10 25.30 9.05 -3.87
CA ASP A 10 24.26 10.10 -4.01
C ASP A 10 22.84 9.49 -3.88
N ARG A 11 21.85 10.31 -3.50
CA ARG A 11 20.44 9.92 -3.31
C ARG A 11 19.50 11.08 -3.71
N GLN A 12 18.33 10.74 -4.28
CA GLN A 12 17.31 11.70 -4.71
C GLN A 12 15.86 11.23 -4.45
N GLY A 13 15.62 9.91 -4.49
CA GLY A 13 14.30 9.30 -4.24
C GLY A 13 14.27 7.80 -4.53
N GLY A 14 13.08 7.20 -4.42
CA GLY A 14 12.82 5.77 -4.66
C GLY A 14 11.33 5.42 -4.65
N GLU A 15 11.00 4.13 -4.70
CA GLU A 15 9.62 3.62 -4.72
C GLU A 15 9.14 3.04 -3.38
N ARG A 16 10.05 2.80 -2.42
CA ARG A 16 9.74 2.28 -1.06
C ARG A 16 8.83 3.21 -0.25
N ARG A 17 8.99 4.53 -0.45
CA ARG A 17 8.23 5.59 0.22
C ARG A 17 6.71 5.43 0.09
N ARG A 18 5.97 5.94 1.08
CA ARG A 18 4.49 5.87 1.19
C ARG A 18 3.71 6.75 0.18
N SER A 19 4.39 7.30 -0.83
CA SER A 19 3.77 8.10 -1.91
C SER A 19 2.88 7.23 -2.83
N GLN A 20 2.11 7.87 -3.72
CA GLN A 20 1.19 7.24 -4.68
C GLN A 20 0.24 6.21 -4.02
N LEU A 21 -0.25 6.53 -2.82
CA LEU A 21 -1.13 5.71 -1.98
C LEU A 21 -2.19 6.59 -1.28
N ASP A 22 -3.30 5.97 -0.89
CA ASP A 22 -4.42 6.58 -0.16
C ASP A 22 -5.19 5.48 0.58
N ARG A 23 -6.03 5.80 1.56
CA ARG A 23 -6.82 4.81 2.34
C ARG A 23 -7.98 4.15 1.55
N ASP A 24 -8.06 4.46 0.26
CA ASP A 24 -8.97 3.85 -0.72
C ASP A 24 -8.21 2.94 -1.72
N GLN A 25 -6.90 2.71 -1.50
CA GLN A 25 -6.03 1.89 -2.36
C GLN A 25 -5.28 0.78 -1.59
N CYS A 26 -4.71 -0.17 -2.34
CA CYS A 26 -3.95 -1.31 -1.83
C CYS A 26 -2.43 -1.02 -1.71
N ALA A 27 -1.81 -1.41 -0.59
CA ALA A 27 -0.36 -1.27 -0.40
C ALA A 27 0.47 -2.27 -1.23
N TYR A 28 -0.11 -3.36 -1.73
CA TYR A 28 0.62 -4.38 -2.50
C TYR A 28 0.62 -4.13 -4.02
N CYS A 29 -0.52 -3.82 -4.63
CA CYS A 29 -0.66 -3.64 -6.09
C CYS A 29 -1.08 -2.22 -6.54
N LYS A 30 -1.41 -1.33 -5.59
CA LYS A 30 -1.82 0.07 -5.78
C LYS A 30 -3.19 0.28 -6.47
N GLU A 31 -3.94 -0.78 -6.76
CA GLU A 31 -5.32 -0.68 -7.25
C GLU A 31 -6.24 -0.06 -6.17
N LYS A 32 -7.47 0.35 -6.55
CA LYS A 32 -8.43 0.99 -5.64
C LYS A 32 -9.66 0.14 -5.30
N GLY A 33 -10.36 0.54 -4.24
CA GLY A 33 -11.58 -0.10 -3.73
C GLY A 33 -11.34 -1.20 -2.68
N HIS A 34 -10.09 -1.52 -2.37
CA HIS A 34 -9.68 -2.53 -1.40
C HIS A 34 -8.27 -2.25 -0.83
N TRP A 35 -7.86 -3.01 0.18
CA TRP A 35 -6.54 -2.98 0.84
C TRP A 35 -5.80 -4.31 0.61
N ALA A 36 -4.50 -4.36 0.91
CA ALA A 36 -3.66 -5.56 0.78
C ALA A 36 -4.27 -6.82 1.43
N LYS A 37 -4.92 -6.64 2.59
CA LYS A 37 -5.66 -7.68 3.35
C LYS A 37 -6.76 -8.40 2.55
N ASP A 38 -7.17 -7.83 1.40
CA ASP A 38 -8.20 -8.33 0.48
C ASP A 38 -7.74 -8.26 -1.00
N CYS A 39 -6.43 -8.08 -1.25
CA CYS A 39 -5.87 -7.95 -2.60
C CYS A 39 -6.15 -9.17 -3.51
N PRO A 40 -6.69 -8.97 -4.74
CA PRO A 40 -6.97 -10.06 -5.67
C PRO A 40 -5.69 -10.69 -6.26
N LYS A 41 -4.52 -10.04 -6.11
CA LYS A 41 -3.22 -10.57 -6.54
C LYS A 41 -2.70 -11.65 -5.57
N LYS A 42 -3.16 -11.66 -4.32
CA LYS A 42 -2.73 -12.66 -3.31
C LYS A 42 -3.46 -14.01 -3.45
N PRO A 43 -2.80 -15.15 -3.21
CA PRO A 43 -3.42 -16.48 -3.27
C PRO A 43 -4.35 -16.75 -2.07
N ARG A 44 -5.22 -17.77 -2.19
CA ARG A 44 -6.17 -18.25 -1.18
C ARG A 44 -6.98 -17.14 -0.46
N GLY A 45 -7.39 -16.12 -1.23
CA GLY A 45 -8.17 -14.97 -0.76
C GLY A 45 -8.78 -14.14 -1.89
N PRO A 46 -9.92 -14.58 -2.47
CA PRO A 46 -10.40 -15.97 -2.54
C PRO A 46 -9.46 -16.90 -3.35
N ARG A 47 -9.72 -18.21 -3.34
CA ARG A 47 -8.96 -19.25 -4.07
C ARG A 47 -9.37 -19.35 -5.56
N GLY A 48 -9.64 -18.21 -6.18
CA GLY A 48 -10.08 -18.05 -7.57
C GLY A 48 -10.51 -16.61 -7.88
N PRO A 49 -9.61 -15.61 -7.77
CA PRO A 49 -9.94 -14.19 -7.98
C PRO A 49 -10.15 -13.85 -9.46
N ARG A 50 -11.00 -12.84 -9.72
CA ARG A 50 -11.32 -12.31 -11.06
C ARG A 50 -11.68 -10.82 -10.97
N PRO A 51 -10.69 -9.93 -10.79
CA PRO A 51 -10.91 -8.49 -10.62
C PRO A 51 -11.33 -7.80 -11.94
N GLN A 52 -11.95 -6.62 -11.82
CA GLN A 52 -12.44 -5.81 -12.94
C GLN A 52 -12.18 -4.29 -12.73
N THR A 53 -11.26 -3.93 -11.83
CA THR A 53 -10.89 -2.53 -11.46
C THR A 53 -12.09 -1.66 -11.02
N SER A 54 -13.14 -2.30 -10.48
CA SER A 54 -14.38 -1.67 -10.01
C SER A 54 -14.98 -2.36 -8.76
N LEU A 55 -14.15 -3.10 -8.01
CA LEU A 55 -14.53 -3.84 -6.80
C LEU A 55 -15.01 -2.89 -5.68
N ALA A 1 -17.57 23.51 -0.91
CA ALA A 1 -16.46 22.56 -0.65
C ALA A 1 -16.73 21.70 0.60
N THR A 2 -16.22 20.46 0.62
CA THR A 2 -16.37 19.51 1.75
C THR A 2 -15.22 18.50 1.79
N VAL A 3 -15.14 17.69 2.86
CA VAL A 3 -14.13 16.65 3.09
C VAL A 3 -14.80 15.41 3.71
N VAL A 4 -14.41 14.22 3.25
CA VAL A 4 -14.94 12.91 3.71
C VAL A 4 -13.82 11.87 3.87
N SER A 5 -14.13 10.74 4.52
CA SER A 5 -13.21 9.62 4.78
C SER A 5 -13.92 8.27 4.81
N GLY A 6 -13.16 7.18 4.84
CA GLY A 6 -13.63 5.79 4.88
C GLY A 6 -12.55 4.80 5.33
N GLN A 7 -11.67 5.21 6.26
CA GLN A 7 -10.54 4.46 6.78
C GLN A 7 -9.64 3.90 5.65
N LYS A 8 -9.27 2.61 5.66
CA LYS A 8 -8.40 1.92 4.69
C LYS A 8 -8.90 0.49 4.40
N GLN A 9 -8.26 -0.20 3.45
CA GLN A 9 -8.60 -1.56 3.00
C GLN A 9 -7.41 -2.54 3.10
N ASP A 10 -6.49 -2.27 4.02
CA ASP A 10 -5.30 -3.10 4.32
C ASP A 10 -5.63 -4.46 4.96
N ARG A 11 -4.60 -5.29 5.17
CA ARG A 11 -4.66 -6.62 5.81
C ARG A 11 -3.52 -6.79 6.82
N GLN A 12 -3.66 -7.74 7.75
CA GLN A 12 -2.67 -8.03 8.78
C GLN A 12 -1.26 -8.31 8.22
N GLY A 13 -0.23 -7.72 8.82
CA GLY A 13 1.17 -7.86 8.42
C GLY A 13 2.08 -6.78 9.03
N GLY A 14 3.36 -6.81 8.64
CA GLY A 14 4.40 -5.88 9.09
C GLY A 14 5.81 -6.41 8.77
N GLU A 15 6.84 -5.58 8.93
CA GLU A 15 8.24 -5.96 8.71
C GLU A 15 9.21 -5.10 9.56
N ARG A 16 10.35 -5.68 9.95
CA ARG A 16 11.40 -5.03 10.76
C ARG A 16 12.02 -3.78 10.10
N ARG A 17 11.94 -3.64 8.78
CA ARG A 17 12.41 -2.49 7.98
C ARG A 17 11.31 -2.07 7.01
N ARG A 18 11.17 -0.74 6.80
CA ARG A 18 10.09 -0.12 6.03
C ARG A 18 10.53 0.93 4.98
N SER A 19 11.82 1.27 4.96
CA SER A 19 12.44 2.27 4.07
C SER A 19 11.86 3.70 4.25
N GLN A 20 12.32 4.65 3.44
CA GLN A 20 11.87 6.05 3.46
C GLN A 20 10.37 6.15 3.14
N LEU A 21 9.61 6.82 4.02
CA LEU A 21 8.16 7.00 3.92
C LEU A 21 7.71 8.36 4.48
N ASP A 22 6.51 8.78 4.06
CA ASP A 22 5.76 9.97 4.47
C ASP A 22 4.28 9.69 4.17
N ARG A 23 3.32 10.29 4.88
CA ARG A 23 1.88 10.07 4.62
C ARG A 23 1.39 10.60 3.28
N ASP A 24 2.20 11.37 2.56
CA ASP A 24 1.92 11.84 1.20
C ASP A 24 2.61 10.96 0.12
N GLN A 25 3.19 9.81 0.50
CA GLN A 25 3.93 8.90 -0.41
C GLN A 25 3.35 7.47 -0.48
N CYS A 26 3.68 6.76 -1.54
CA CYS A 26 3.28 5.39 -1.84
C CYS A 26 4.23 4.35 -1.21
N ALA A 27 3.71 3.37 -0.46
CA ALA A 27 4.55 2.29 0.08
C ALA A 27 5.09 1.32 -0.99
N TYR A 28 4.49 1.24 -2.20
CA TYR A 28 4.89 0.28 -3.24
C TYR A 28 5.91 0.77 -4.28
N CYS A 29 5.85 2.04 -4.71
CA CYS A 29 6.77 2.60 -5.71
C CYS A 29 7.57 3.83 -5.21
N LYS A 30 7.25 4.32 -4.00
CA LYS A 30 7.88 5.46 -3.30
C LYS A 30 7.62 6.84 -3.92
N GLU A 31 6.76 6.94 -4.95
CA GLU A 31 6.30 8.23 -5.51
C GLU A 31 5.40 8.99 -4.51
N LYS A 32 5.01 10.23 -4.83
CA LYS A 32 4.15 11.08 -3.98
C LYS A 32 2.82 11.49 -4.61
N GLY A 33 1.89 11.92 -3.76
CA GLY A 33 0.53 12.36 -4.13
C GLY A 33 -0.54 11.26 -4.03
N HIS A 34 -0.14 10.03 -3.68
CA HIS A 34 -1.01 8.85 -3.54
C HIS A 34 -0.38 7.79 -2.61
N TRP A 35 -1.13 6.73 -2.31
CA TRP A 35 -0.72 5.57 -1.50
C TRP A 35 -0.64 4.31 -2.38
N ALA A 36 0.01 3.24 -1.88
CA ALA A 36 0.13 1.95 -2.59
C ALA A 36 -1.22 1.40 -3.08
N LYS A 37 -2.26 1.58 -2.27
CA LYS A 37 -3.64 1.15 -2.51
C LYS A 37 -4.27 1.78 -3.79
N ASP A 38 -3.63 2.82 -4.33
CA ASP A 38 -4.00 3.56 -5.54
C ASP A 38 -2.81 3.77 -6.51
N CYS A 39 -1.69 3.07 -6.31
CA CYS A 39 -0.45 3.19 -7.09
C CYS A 39 -0.63 3.01 -8.61
N PRO A 40 -0.27 4.00 -9.47
CA PRO A 40 -0.38 3.88 -10.92
C PRO A 40 0.39 2.67 -11.50
N LYS A 41 1.55 2.34 -10.92
CA LYS A 41 2.41 1.22 -11.34
C LYS A 41 1.89 -0.16 -10.90
N LYS A 42 1.04 -0.22 -9.86
CA LYS A 42 0.49 -1.48 -9.32
C LYS A 42 -0.44 -2.18 -10.32
N PRO A 43 -0.40 -3.53 -10.44
CA PRO A 43 -1.26 -4.31 -11.34
C PRO A 43 -2.77 -4.02 -11.25
N ARG A 44 -3.29 -3.69 -10.05
CA ARG A 44 -4.69 -3.33 -9.75
C ARG A 44 -5.74 -4.21 -10.48
N GLY A 45 -5.62 -5.52 -10.32
CA GLY A 45 -6.52 -6.52 -10.94
C GLY A 45 -6.34 -7.98 -10.47
N PRO A 46 -5.10 -8.47 -10.29
CA PRO A 46 -3.86 -8.07 -10.99
C PRO A 46 -3.88 -8.22 -12.53
N ARG A 47 -4.87 -8.93 -13.09
CA ARG A 47 -5.02 -9.15 -14.54
C ARG A 47 -6.50 -9.15 -14.94
N GLY A 48 -6.77 -8.85 -16.21
CA GLY A 48 -8.11 -8.79 -16.81
C GLY A 48 -8.08 -8.70 -18.35
N PRO A 49 -9.25 -8.62 -19.01
CA PRO A 49 -9.34 -8.55 -20.47
C PRO A 49 -8.82 -7.21 -21.02
N ARG A 50 -8.40 -7.22 -22.30
CA ARG A 50 -7.87 -6.05 -23.04
C ARG A 50 -8.17 -6.20 -24.55
N PRO A 51 -8.63 -5.14 -25.25
CA PRO A 51 -8.91 -5.20 -26.69
C PRO A 51 -7.62 -5.32 -27.52
N GLN A 52 -7.74 -5.75 -28.78
CA GLN A 52 -6.63 -5.93 -29.73
C GLN A 52 -7.03 -5.45 -31.13
N THR A 53 -6.07 -4.85 -31.85
CA THR A 53 -6.25 -4.27 -33.21
C THR A 53 -5.12 -4.60 -34.20
N SER A 54 -4.05 -5.29 -33.75
CA SER A 54 -2.86 -5.69 -34.53
C SER A 54 -2.06 -4.53 -35.15
N LEU A 55 -0.93 -4.86 -35.79
CA LEU A 55 0.00 -3.90 -36.42
C LEU A 55 0.70 -4.52 -37.64
N ALA A 1 -34.33 -15.46 -2.54
CA ALA A 1 -33.58 -15.88 -3.75
C ALA A 1 -32.26 -15.11 -3.89
N THR A 2 -31.28 -15.66 -4.62
CA THR A 2 -29.95 -15.06 -4.87
C THR A 2 -29.36 -15.56 -6.20
N VAL A 3 -28.23 -14.97 -6.62
CA VAL A 3 -27.49 -15.31 -7.86
C VAL A 3 -25.99 -15.04 -7.69
N VAL A 4 -25.15 -15.81 -8.39
CA VAL A 4 -23.68 -15.69 -8.36
C VAL A 4 -23.07 -16.16 -9.69
N SER A 5 -21.97 -15.51 -10.11
CA SER A 5 -21.26 -15.79 -11.38
C SER A 5 -19.72 -15.84 -11.24
N GLY A 6 -19.19 -15.75 -10.02
CA GLY A 6 -17.75 -15.78 -9.71
C GLY A 6 -17.45 -15.61 -8.22
N GLN A 7 -16.16 -15.59 -7.86
CA GLN A 7 -15.65 -15.45 -6.49
C GLN A 7 -14.41 -14.53 -6.44
N LYS A 8 -14.07 -14.04 -5.24
CA LYS A 8 -12.92 -13.16 -4.97
C LYS A 8 -12.31 -13.45 -3.59
N GLN A 9 -10.98 -13.31 -3.49
CA GLN A 9 -10.18 -13.44 -2.27
C GLN A 9 -8.93 -12.54 -2.37
N ASP A 10 -8.31 -12.19 -1.24
CA ASP A 10 -7.14 -11.31 -1.15
C ASP A 10 -6.11 -11.83 -0.13
N ARG A 11 -4.85 -11.38 -0.25
CA ARG A 11 -3.71 -11.76 0.60
C ARG A 11 -2.84 -10.54 0.94
N GLN A 12 -1.86 -10.73 1.85
CA GLN A 12 -0.93 -9.70 2.37
C GLN A 12 -1.63 -8.51 3.08
N GLY A 13 -2.90 -8.64 3.47
CA GLY A 13 -3.69 -7.62 4.18
C GLY A 13 -3.66 -7.76 5.71
N GLY A 14 -2.79 -8.63 6.24
CA GLY A 14 -2.59 -8.92 7.67
C GLY A 14 -1.35 -9.80 7.89
N GLU A 15 -1.05 -10.13 9.14
CA GLU A 15 0.12 -10.93 9.55
C GLU A 15 1.47 -10.36 9.03
N ARG A 16 1.58 -9.02 9.04
CA ARG A 16 2.75 -8.23 8.57
C ARG A 16 3.10 -7.13 9.59
N ARG A 17 4.32 -6.58 9.45
CA ARG A 17 4.91 -5.52 10.29
C ARG A 17 5.70 -4.53 9.43
N ARG A 18 5.95 -3.32 9.96
CA ARG A 18 6.71 -2.24 9.28
C ARG A 18 8.17 -2.64 9.04
N SER A 19 8.78 -2.06 8.01
CA SER A 19 10.18 -2.23 7.63
C SER A 19 10.67 -0.97 6.90
N GLN A 20 11.78 -0.38 7.36
CA GLN A 20 12.35 0.87 6.84
C GLN A 20 11.29 1.99 6.72
N LEU A 21 10.60 2.29 7.81
CA LEU A 21 9.56 3.32 7.90
C LEU A 21 9.75 4.22 9.14
N ASP A 22 9.24 5.44 9.02
CA ASP A 22 9.19 6.49 10.03
C ASP A 22 7.91 7.30 9.78
N ARG A 23 7.27 7.89 10.79
CA ARG A 23 6.03 8.67 10.63
C ARG A 23 6.22 10.04 9.94
N ASP A 24 7.38 10.23 9.32
CA ASP A 24 7.75 11.38 8.49
C ASP A 24 8.26 10.97 7.09
N GLN A 25 8.19 9.67 6.72
CA GLN A 25 8.64 9.16 5.41
C GLN A 25 7.58 8.32 4.67
N CYS A 26 7.50 8.52 3.36
CA CYS A 26 6.57 7.85 2.44
C CYS A 26 6.78 6.33 2.34
N ALA A 27 5.70 5.56 2.45
CA ALA A 27 5.75 4.10 2.30
C ALA A 27 5.98 3.60 0.86
N TYR A 28 5.82 4.45 -0.16
CA TYR A 28 5.97 4.09 -1.58
C TYR A 28 7.32 4.46 -2.21
N CYS A 29 7.93 5.59 -1.82
CA CYS A 29 9.22 6.05 -2.37
C CYS A 29 10.31 6.39 -1.33
N LYS A 30 9.99 6.30 -0.04
CA LYS A 30 10.87 6.57 1.14
C LYS A 30 11.26 8.03 1.34
N GLU A 31 10.83 8.97 0.49
CA GLU A 31 11.12 10.40 0.67
C GLU A 31 10.56 10.95 1.99
N LYS A 32 11.26 11.92 2.58
CA LYS A 32 10.90 12.56 3.86
C LYS A 32 10.10 13.85 3.65
N GLY A 33 9.11 14.09 4.51
CA GLY A 33 8.25 15.29 4.51
C GLY A 33 6.80 15.05 4.10
N HIS A 34 6.47 13.86 3.56
CA HIS A 34 5.12 13.46 3.14
C HIS A 34 4.92 11.94 3.28
N TRP A 35 3.67 11.50 3.14
CA TRP A 35 3.24 10.09 3.19
C TRP A 35 2.72 9.65 1.81
N ALA A 36 2.67 8.34 1.56
CA ALA A 36 2.23 7.72 0.31
C ALA A 36 0.88 8.25 -0.19
N LYS A 37 -0.05 8.56 0.72
CA LYS A 37 -1.38 9.13 0.46
C LYS A 37 -1.35 10.41 -0.40
N ASP A 38 -0.21 11.10 -0.44
CA ASP A 38 0.03 12.34 -1.19
C ASP A 38 1.35 12.30 -2.01
N CYS A 39 1.92 11.11 -2.25
CA CYS A 39 3.19 10.94 -2.96
C CYS A 39 3.24 11.62 -4.36
N PRO A 40 4.26 12.46 -4.66
CA PRO A 40 4.38 13.16 -5.94
C PRO A 40 4.71 12.24 -7.12
N LYS A 41 5.18 11.02 -6.85
CA LYS A 41 5.49 9.99 -7.85
C LYS A 41 4.21 9.37 -8.44
N LYS A 42 3.08 9.44 -7.72
CA LYS A 42 1.79 8.88 -8.17
C LYS A 42 1.12 9.72 -9.28
N PRO A 43 0.28 9.11 -10.13
CA PRO A 43 -0.45 9.81 -11.21
C PRO A 43 -1.57 10.75 -10.73
N ARG A 44 -1.92 10.72 -9.43
CA ARG A 44 -2.97 11.55 -8.79
C ARG A 44 -4.34 11.48 -9.50
N GLY A 45 -4.71 10.29 -9.97
CA GLY A 45 -5.96 10.00 -10.68
C GLY A 45 -6.31 8.51 -10.71
N PRO A 46 -7.54 8.14 -11.16
CA PRO A 46 -8.34 8.89 -12.14
C PRO A 46 -9.22 10.00 -11.53
N ARG A 47 -9.34 10.05 -10.19
CA ARG A 47 -10.10 11.06 -9.43
C ARG A 47 -9.31 11.46 -8.17
N GLY A 48 -9.47 12.72 -7.73
CA GLY A 48 -8.79 13.28 -6.56
C GLY A 48 -8.76 14.82 -6.53
N PRO A 49 -8.15 15.44 -5.51
CA PRO A 49 -8.04 16.90 -5.39
C PRO A 49 -7.10 17.50 -6.46
N ARG A 50 -7.27 18.80 -6.75
CA ARG A 50 -6.51 19.56 -7.76
C ARG A 50 -6.01 20.91 -7.20
N PRO A 51 -4.88 21.44 -7.70
CA PRO A 51 -4.31 22.72 -7.24
C PRO A 51 -5.10 23.94 -7.75
N GLN A 52 -4.73 25.14 -7.28
CA GLN A 52 -5.30 26.43 -7.64
C GLN A 52 -4.24 27.55 -7.64
N THR A 53 -4.59 28.73 -8.16
CA THR A 53 -3.69 29.90 -8.24
C THR A 53 -4.46 31.24 -8.19
N SER A 54 -3.73 32.35 -8.11
CA SER A 54 -4.23 33.73 -8.06
C SER A 54 -3.48 34.69 -9.01
N LEU A 55 -2.59 34.16 -9.86
CA LEU A 55 -1.77 34.92 -10.83
C LEU A 55 -1.58 34.12 -12.12
#